data_7EV8
#
_entry.id   7EV8
#
_cell.length_a   117.090
_cell.length_b   117.090
_cell.length_c   143.177
_cell.angle_alpha   90.000
_cell.angle_beta   90.000
_cell.angle_gamma   90.000
#
_symmetry.space_group_name_H-M   'I 4 2 2'
#
loop_
_entity.id
_entity.type
_entity.pdbx_description
1 polymer Nucleoprotein
2 polymer Phosphoprotein
3 water water
#
loop_
_entity_poly.entity_id
_entity_poly.type
_entity_poly.pdbx_seq_one_letter_code
_entity_poly.pdbx_strand_id
1 'polypeptide(L)'
;KNTVSIFALGPTITDDDEKMTLALLFLSHSLDNEKQHAQRAGFLVSLLSMAYANPELYLTTNGSNADVKYVIYMIEKDLK
RQKYGGFVVKTREMIYEKTTEWIFGSDLDYDQETMLQNGRNNSTIEDLVHTFGYPSCLGALIIQIWIVLVKAITSISGLR
KGFFTRLEAFRQDGTVQAGLVLSGDTVDQIGSIMRSQQSLVTLMVETLITMNTSRNDLTTIEKNIQIVGNYIRDAGLASF
FNTIRYGIETRMAALTLSTLRPDINRLKALMELYLSKGPRAPFICILRDPIHGEFAPGNYPAIWSYAMGVAVVQNRAMQQ
YVTGRSYLDIDMFQLGQAVARDAEAQ
;
A
2 'polypeptide(L)' MESDAKNYQIMDSWEEEPRDKSTNISSALNIIEFILSTDPQE B
#
# COMPACT_ATOMS: atom_id res chain seq x y z
N LYS A 1 -1.83 25.00 -6.77
CA LYS A 1 -1.28 23.59 -6.83
C LYS A 1 -1.07 23.19 -8.30
N ASN A 2 0.09 22.60 -8.60
CA ASN A 2 0.40 21.98 -9.93
C ASN A 2 -0.77 21.08 -10.30
N THR A 3 -1.35 21.27 -11.50
CA THR A 3 -2.55 20.52 -11.93
C THR A 3 -2.13 19.20 -12.60
N VAL A 4 -2.86 18.13 -12.33
CA VAL A 4 -2.71 16.82 -12.99
C VAL A 4 -3.97 16.57 -13.82
N SER A 5 -3.82 16.12 -15.07
CA SER A 5 -4.95 15.87 -15.99
C SER A 5 -5.44 14.43 -15.81
N ILE A 6 -6.66 14.25 -15.33
CA ILE A 6 -7.27 12.90 -15.20
C ILE A 6 -8.30 12.77 -16.31
N PHE A 7 -8.29 11.65 -17.01
CA PHE A 7 -9.18 11.43 -18.18
C PHE A 7 -10.24 10.41 -17.82
N ALA A 8 -11.51 10.74 -17.96
CA ALA A 8 -12.60 9.83 -17.57
C ALA A 8 -13.50 9.55 -18.76
N LEU A 9 -13.91 8.30 -18.93
CA LEU A 9 -14.84 7.91 -20.03
C LEU A 9 -16.20 8.57 -19.79
N GLY A 10 -16.82 9.04 -20.86
CA GLY A 10 -18.17 9.63 -20.80
C GLY A 10 -19.24 8.56 -21.01
N PRO A 11 -20.54 8.91 -20.85
CA PRO A 11 -21.63 7.96 -21.05
C PRO A 11 -21.68 7.50 -22.51
N THR A 12 -21.10 8.27 -23.44
CA THR A 12 -21.12 7.93 -24.89
C THR A 12 -20.38 6.61 -25.14
N ILE A 13 -19.31 6.32 -24.39
CA ILE A 13 -18.52 5.08 -24.61
C ILE A 13 -19.22 3.94 -23.89
N THR A 14 -19.83 2.99 -24.62
CA THR A 14 -20.63 1.90 -24.01
C THR A 14 -20.04 0.53 -24.30
N ASP A 15 -19.24 0.39 -25.35
CA ASP A 15 -18.77 -0.92 -25.87
C ASP A 15 -17.69 -1.46 -24.93
N ASP A 16 -17.86 -2.67 -24.41
CA ASP A 16 -16.87 -3.30 -23.48
C ASP A 16 -15.52 -3.48 -24.19
N ASP A 17 -15.56 -3.88 -25.47
CA ASP A 17 -14.36 -4.10 -26.33
C ASP A 17 -13.55 -2.80 -26.32
N GLU A 18 -14.21 -1.67 -26.57
CA GLU A 18 -13.60 -0.31 -26.64
C GLU A 18 -13.03 0.04 -25.27
N LYS A 19 -13.78 -0.23 -24.21
CA LYS A 19 -13.41 0.26 -22.86
C LYS A 19 -12.04 -0.32 -22.47
N MET A 20 -11.80 -1.59 -22.77
CA MET A 20 -10.52 -2.24 -22.43
C MET A 20 -9.40 -1.51 -23.18
N THR A 21 -9.66 -1.17 -24.44
CA THR A 21 -8.64 -0.54 -25.32
C THR A 21 -8.21 0.78 -24.69
N LEU A 22 -9.16 1.57 -24.17
CA LEU A 22 -8.85 2.86 -23.51
C LEU A 22 -8.03 2.59 -22.25
N ALA A 23 -8.34 1.53 -21.50
CA ALA A 23 -7.60 1.21 -20.26
C ALA A 23 -6.16 0.87 -20.63
N LEU A 24 -5.97 0.11 -21.71
CA LEU A 24 -4.62 -0.24 -22.14
C LEU A 24 -3.88 1.01 -22.61
N LEU A 25 -4.57 1.93 -23.28
CA LEU A 25 -3.96 3.20 -23.73
C LEU A 25 -3.57 4.01 -22.49
N PHE A 26 -4.39 3.99 -21.45
CA PHE A 26 -4.08 4.75 -20.21
C PHE A 26 -2.80 4.21 -19.60
N LEU A 27 -2.63 2.90 -19.57
CA LEU A 27 -1.39 2.26 -19.04
C LEU A 27 -0.20 2.73 -19.87
N SER A 28 -0.32 2.70 -21.20
CA SER A 28 0.79 3.02 -22.12
C SER A 28 1.25 4.45 -21.87
N HIS A 29 0.29 5.35 -21.67
CA HIS A 29 0.59 6.78 -21.39
C HIS A 29 1.35 6.89 -20.07
N SER A 30 0.98 6.06 -19.09
CA SER A 30 1.67 6.04 -17.78
C SER A 30 3.11 5.57 -17.99
N LEU A 31 3.34 4.67 -18.96
CA LEU A 31 4.68 4.09 -19.20
C LEU A 31 5.44 4.89 -20.25
N ASP A 32 4.89 5.99 -20.74
CA ASP A 32 5.60 6.81 -21.75
C ASP A 32 6.62 7.68 -21.01
N ASN A 33 7.89 7.46 -21.33
CA ASN A 33 9.02 8.17 -20.65
C ASN A 33 9.04 9.64 -21.03
N GLU A 34 8.49 10.03 -22.18
CA GLU A 34 8.48 11.44 -22.63
C GLU A 34 7.66 12.32 -21.67
N LYS A 35 6.62 11.76 -21.08
CA LYS A 35 5.76 12.49 -20.11
C LYS A 35 6.53 12.56 -18.79
N GLN A 36 6.29 13.59 -17.98
CA GLN A 36 6.89 13.71 -16.63
C GLN A 36 6.12 12.78 -15.68
N HIS A 37 6.72 12.46 -14.53
CA HIS A 37 6.14 11.53 -13.55
C HIS A 37 4.71 11.94 -13.19
N ALA A 38 4.46 13.23 -12.97
CA ALA A 38 3.14 13.68 -12.47
C ALA A 38 2.07 13.37 -13.52
N GLN A 39 2.39 13.64 -14.80
CA GLN A 39 1.44 13.38 -15.90
C GLN A 39 1.22 11.88 -15.96
N ARG A 40 2.31 11.12 -15.84
CA ARG A 40 2.25 9.63 -15.93
C ARG A 40 1.38 9.13 -14.79
N ALA A 41 1.53 9.71 -13.60
CA ALA A 41 0.74 9.33 -12.40
C ALA A 41 -0.75 9.58 -12.66
N GLY A 42 -1.05 10.69 -13.32
CA GLY A 42 -2.44 11.04 -13.65
C GLY A 42 -3.07 9.99 -14.54
N PHE A 43 -2.28 9.44 -15.47
CA PHE A 43 -2.78 8.33 -16.32
C PHE A 43 -3.04 7.11 -15.44
N LEU A 44 -2.21 6.86 -14.43
CA LEU A 44 -2.43 5.73 -13.50
C LEU A 44 -3.68 5.98 -12.67
N VAL A 45 -3.90 7.21 -12.20
CA VAL A 45 -5.14 7.57 -11.45
C VAL A 45 -6.35 7.37 -12.37
N SER A 46 -6.22 7.73 -13.65
CA SER A 46 -7.28 7.55 -14.67
C SER A 46 -7.63 6.07 -14.74
N LEU A 47 -6.63 5.20 -14.81
CA LEU A 47 -6.84 3.73 -14.86
C LEU A 47 -7.51 3.25 -13.56
N LEU A 48 -7.01 3.70 -12.41
CA LEU A 48 -7.51 3.22 -11.10
C LEU A 48 -8.94 3.70 -10.94
N SER A 49 -9.24 4.93 -11.34
CA SER A 49 -10.60 5.50 -11.14
C SER A 49 -11.59 4.84 -12.09
N MET A 50 -11.11 4.14 -13.11
CA MET A 50 -11.97 3.45 -14.11
C MET A 50 -12.86 2.41 -13.40
N ALA A 51 -12.32 1.74 -12.39
CA ALA A 51 -13.06 0.80 -11.53
C ALA A 51 -14.28 1.49 -10.93
N TYR A 52 -14.10 2.70 -10.43
CA TYR A 52 -15.17 3.46 -9.71
C TYR A 52 -16.17 4.01 -10.74
N ALA A 53 -17.46 3.92 -10.42
CA ALA A 53 -18.57 4.32 -11.32
C ALA A 53 -18.49 5.82 -11.58
N ASN A 54 -18.25 6.62 -10.54
CA ASN A 54 -18.17 8.10 -10.68
C ASN A 54 -16.76 8.57 -10.35
N PRO A 55 -15.81 8.59 -11.33
CA PRO A 55 -14.44 8.97 -11.05
C PRO A 55 -14.32 10.33 -10.36
N GLU A 56 -15.15 11.27 -10.75
CA GLU A 56 -15.08 12.65 -10.18
C GLU A 56 -15.30 12.59 -8.67
N LEU A 57 -16.33 11.86 -8.24
CA LEU A 57 -16.65 11.73 -6.80
C LEU A 57 -15.50 11.01 -6.11
N TYR A 58 -15.00 9.94 -6.73
CA TYR A 58 -13.94 9.09 -6.13
C TYR A 58 -12.78 10.02 -5.79
N LEU A 59 -12.37 10.81 -6.78
CA LEU A 59 -11.25 11.74 -6.62
C LEU A 59 -11.62 12.83 -5.63
N THR A 60 -12.84 13.35 -5.67
CA THR A 60 -13.22 14.45 -4.75
C THR A 60 -13.10 13.91 -3.32
N THR A 61 -13.67 12.73 -3.10
CA THR A 61 -13.77 12.06 -1.77
C THR A 61 -12.36 11.73 -1.25
N ASN A 62 -11.53 11.07 -2.08
CA ASN A 62 -10.26 10.47 -1.62
C ASN A 62 -9.04 11.21 -2.17
N GLY A 63 -9.22 12.11 -3.13
CA GLY A 63 -8.09 12.76 -3.82
C GLY A 63 -7.91 14.21 -3.40
N SER A 64 -8.33 14.55 -2.19
CA SER A 64 -8.17 15.90 -1.59
C SER A 64 -6.74 16.05 -1.10
N ASN A 65 -5.77 16.20 -2.01
CA ASN A 65 -4.33 16.28 -1.67
C ASN A 65 -3.85 17.73 -1.76
N ALA A 66 -2.84 18.10 -0.96
CA ALA A 66 -2.23 19.45 -0.91
C ALA A 66 -1.26 19.63 -2.08
N ASP A 67 -0.73 18.51 -2.58
CA ASP A 67 0.29 18.47 -3.66
C ASP A 67 -0.34 18.89 -5.00
N VAL A 68 -1.35 18.14 -5.48
CA VAL A 68 -1.83 18.21 -6.90
C VAL A 68 -3.34 18.51 -6.96
N LYS A 69 -3.73 19.34 -7.92
CA LYS A 69 -5.16 19.60 -8.24
C LYS A 69 -5.46 18.77 -9.48
N TYR A 70 -6.44 17.88 -9.39
CA TYR A 70 -6.79 16.94 -10.49
C TYR A 70 -7.83 17.60 -11.39
N VAL A 71 -7.60 17.62 -12.69
CA VAL A 71 -8.60 18.18 -13.65
C VAL A 71 -9.15 17.02 -14.46
N ILE A 72 -10.46 16.79 -14.44
CA ILE A 72 -11.07 15.58 -15.08
C ILE A 72 -11.52 15.99 -16.48
N TYR A 73 -10.99 15.35 -17.50
CA TYR A 73 -11.38 15.63 -18.89
C TYR A 73 -12.09 14.40 -19.44
N MET A 74 -13.35 14.56 -19.83
CA MET A 74 -14.18 13.41 -20.29
C MET A 74 -13.74 12.97 -21.69
N ILE A 75 -13.58 11.67 -21.90
CA ILE A 75 -13.36 11.06 -23.23
C ILE A 75 -14.72 10.58 -23.70
N GLU A 76 -15.20 11.06 -24.84
CA GLU A 76 -16.50 10.65 -25.43
C GLU A 76 -16.26 10.14 -26.85
N LYS A 77 -17.19 9.37 -27.39
CA LYS A 77 -17.14 8.91 -28.81
C LYS A 77 -18.08 9.76 -29.67
N ASP A 78 -17.56 10.47 -30.68
CA ASP A 78 -18.39 11.32 -31.57
C ASP A 78 -18.53 10.58 -32.90
N LEU A 79 -19.74 10.15 -33.20
CA LEU A 79 -19.99 9.24 -34.35
C LEU A 79 -19.76 9.98 -35.66
N LYS A 80 -19.90 11.30 -35.66
CA LYS A 80 -19.59 12.15 -36.84
C LYS A 80 -18.11 12.00 -37.20
N ARG A 81 -17.23 12.02 -36.18
CA ARG A 81 -15.77 12.03 -36.40
C ARG A 81 -15.32 10.66 -36.90
N GLN A 82 -14.32 10.66 -37.80
CA GLN A 82 -13.79 9.42 -38.42
C GLN A 82 -12.41 9.09 -37.86
N LYS A 83 -11.72 10.10 -37.33
CA LYS A 83 -10.32 9.96 -36.83
C LYS A 83 -10.31 9.26 -35.48
N TYR A 84 -9.32 8.41 -35.24
CA TYR A 84 -9.06 7.76 -33.92
C TYR A 84 -10.32 7.02 -33.44
N GLY A 85 -11.02 6.38 -34.36
CA GLY A 85 -12.18 5.53 -34.04
C GLY A 85 -13.36 6.33 -33.52
N GLY A 86 -13.39 7.63 -33.82
CA GLY A 86 -14.49 8.52 -33.41
C GLY A 86 -14.30 9.00 -31.99
N PHE A 87 -13.17 8.66 -31.37
CA PHE A 87 -12.90 9.09 -29.97
C PHE A 87 -12.48 10.56 -29.96
N VAL A 88 -12.89 11.26 -28.92
CA VAL A 88 -12.50 12.69 -28.74
C VAL A 88 -12.46 13.00 -27.25
N VAL A 89 -11.55 13.88 -26.83
CA VAL A 89 -11.48 14.44 -25.47
C VAL A 89 -12.35 15.68 -25.51
N LYS A 90 -13.54 15.68 -24.92
CA LYS A 90 -14.41 16.87 -25.01
C LYS A 90 -14.77 17.35 -23.60
N THR A 91 -14.61 18.65 -23.32
CA THR A 91 -15.18 19.27 -22.12
C THR A 91 -16.67 19.41 -22.44
N ARG A 92 -17.49 19.72 -21.46
CA ARG A 92 -18.95 19.83 -21.69
C ARG A 92 -19.25 20.68 -22.94
N GLU A 93 -18.56 21.82 -23.09
CA GLU A 93 -18.90 22.86 -24.12
C GLU A 93 -17.91 22.85 -25.31
N MET A 94 -16.82 22.07 -25.24
CA MET A 94 -15.66 22.23 -26.16
C MET A 94 -15.14 20.85 -26.57
N ILE A 95 -14.44 20.79 -27.69
CA ILE A 95 -13.68 19.59 -28.10
C ILE A 95 -12.21 19.96 -28.06
N TYR A 96 -11.42 19.23 -27.30
CA TYR A 96 -9.98 19.50 -27.13
C TYR A 96 -9.24 18.81 -28.28
N GLU A 97 -9.07 19.47 -29.43
CA GLU A 97 -8.52 18.81 -30.65
C GLU A 97 -7.08 18.36 -30.38
N LYS A 98 -6.27 19.26 -29.82
CA LYS A 98 -4.83 18.97 -29.63
C LYS A 98 -4.65 17.85 -28.59
N THR A 99 -5.40 17.90 -27.49
CA THR A 99 -5.32 16.87 -26.44
C THR A 99 -5.85 15.56 -26.99
N THR A 100 -6.85 15.59 -27.85
CA THR A 100 -7.37 14.34 -28.48
C THR A 100 -6.21 13.70 -29.23
N GLU A 101 -5.45 14.51 -29.98
CA GLU A 101 -4.29 14.01 -30.75
C GLU A 101 -3.24 13.49 -29.76
N TRP A 102 -3.06 14.18 -28.65
CA TRP A 102 -2.07 13.82 -27.62
C TRP A 102 -2.35 12.42 -27.10
N ILE A 103 -3.60 12.18 -26.71
CA ILE A 103 -4.06 10.88 -26.14
C ILE A 103 -4.07 9.81 -27.24
N PHE A 104 -4.54 10.12 -28.46
CA PHE A 104 -4.80 9.06 -29.46
C PHE A 104 -3.76 9.05 -30.58
N GLY A 105 -3.54 10.18 -31.24
CA GLY A 105 -2.64 10.26 -32.41
C GLY A 105 -1.16 10.10 -32.06
N SER A 106 -0.74 10.57 -30.89
CA SER A 106 0.70 10.58 -30.51
C SER A 106 1.27 9.16 -30.47
N ASP A 107 2.55 9.03 -30.80
CA ASP A 107 3.34 7.77 -30.78
C ASP A 107 4.11 7.66 -29.46
N GLU A 126 -8.19 -9.30 -26.51
CA GLU A 126 -9.53 -9.15 -27.16
C GLU A 126 -10.32 -10.43 -26.96
N ASP A 127 -9.68 -11.59 -27.19
CA ASP A 127 -10.32 -12.92 -27.04
C ASP A 127 -10.71 -13.10 -25.57
N LEU A 128 -9.85 -12.66 -24.66
CA LEU A 128 -10.04 -12.77 -23.18
C LEU A 128 -11.28 -11.98 -22.75
N VAL A 129 -11.54 -10.85 -23.40
CA VAL A 129 -12.66 -9.93 -23.07
C VAL A 129 -14.00 -10.65 -23.28
N HIS A 130 -14.12 -11.52 -24.28
CA HIS A 130 -15.38 -12.27 -24.55
C HIS A 130 -15.53 -13.42 -23.54
N THR A 131 -14.44 -14.12 -23.23
CA THR A 131 -14.44 -15.32 -22.36
C THR A 131 -14.64 -14.90 -20.90
N PHE A 132 -14.02 -13.82 -20.41
CA PHE A 132 -14.04 -13.50 -18.96
C PHE A 132 -14.79 -12.19 -18.67
N GLY A 133 -14.85 -11.27 -19.64
CA GLY A 133 -15.59 -10.02 -19.43
C GLY A 133 -14.68 -8.84 -19.13
N TYR A 134 -15.16 -7.63 -19.43
CA TYR A 134 -14.42 -6.37 -19.22
C TYR A 134 -14.07 -6.20 -17.75
N PRO A 135 -15.04 -6.27 -16.81
CA PRO A 135 -14.75 -5.95 -15.42
C PRO A 135 -13.71 -6.93 -14.87
N SER A 136 -13.80 -8.21 -15.23
CA SER A 136 -12.77 -9.19 -14.82
C SER A 136 -11.42 -8.75 -15.37
N CYS A 137 -11.40 -8.35 -16.63
CA CYS A 137 -10.13 -8.00 -17.35
C CYS A 137 -9.50 -6.70 -16.83
N LEU A 138 -10.28 -5.66 -16.55
CA LEU A 138 -9.76 -4.41 -15.96
C LEU A 138 -9.16 -4.77 -14.60
N GLY A 139 -9.86 -5.60 -13.85
CA GLY A 139 -9.47 -5.94 -12.47
C GLY A 139 -8.07 -6.48 -12.45
N ALA A 140 -7.69 -7.23 -13.48
CA ALA A 140 -6.33 -7.78 -13.61
C ALA A 140 -5.36 -6.61 -13.58
N LEU A 141 -5.61 -5.62 -14.44
CA LEU A 141 -4.70 -4.45 -14.57
C LEU A 141 -4.68 -3.67 -13.26
N ILE A 142 -5.84 -3.39 -12.68
CA ILE A 142 -5.94 -2.54 -11.46
C ILE A 142 -5.30 -3.24 -10.25
N ILE A 143 -5.48 -4.55 -10.08
CA ILE A 143 -4.97 -5.24 -8.87
C ILE A 143 -3.43 -5.20 -8.91
N GLN A 144 -2.85 -5.36 -10.10
CA GLN A 144 -1.38 -5.37 -10.26
C GLN A 144 -0.83 -4.01 -9.81
N ILE A 145 -1.50 -2.93 -10.15
CA ILE A 145 -1.05 -1.55 -9.80
C ILE A 145 -1.00 -1.43 -8.26
N TRP A 146 -2.03 -1.88 -7.56
CA TRP A 146 -2.08 -1.81 -6.08
C TRP A 146 -0.96 -2.66 -5.47
N ILE A 147 -0.68 -3.84 -6.03
CA ILE A 147 0.32 -4.79 -5.47
C ILE A 147 1.67 -4.11 -5.41
N VAL A 148 1.95 -3.22 -6.37
CA VAL A 148 3.27 -2.52 -6.43
C VAL A 148 3.46 -1.77 -5.11
N LEU A 149 2.39 -1.19 -4.57
CA LEU A 149 2.48 -0.31 -3.37
C LEU A 149 2.99 -1.07 -2.13
N VAL A 150 2.79 -2.39 -2.05
CA VAL A 150 3.17 -3.14 -0.82
C VAL A 150 4.66 -2.88 -0.54
N LYS A 151 5.48 -2.94 -1.58
CA LYS A 151 6.95 -2.84 -1.42
C LYS A 151 7.52 -1.60 -2.10
N ALA A 152 6.72 -0.78 -2.78
CA ALA A 152 7.27 0.31 -3.60
C ALA A 152 8.02 1.32 -2.73
N ILE A 153 7.41 1.74 -1.63
CA ILE A 153 7.91 2.85 -0.76
C ILE A 153 8.81 2.25 0.32
N THR A 154 8.27 1.26 1.02
CA THR A 154 8.86 0.58 2.18
C THR A 154 10.12 -0.21 1.78
N SER A 155 10.03 -1.06 0.76
CA SER A 155 11.13 -1.99 0.37
C SER A 155 11.34 -1.96 -1.14
N ILE A 156 11.92 -0.89 -1.66
CA ILE A 156 12.07 -0.70 -3.14
C ILE A 156 12.84 -1.88 -3.72
N SER A 157 13.85 -2.37 -2.99
CA SER A 157 14.76 -3.44 -3.48
C SER A 157 13.99 -4.72 -3.81
N GLY A 158 12.95 -5.06 -3.03
CA GLY A 158 12.28 -6.37 -3.17
C GLY A 158 10.97 -6.27 -3.93
N LEU A 159 10.73 -5.18 -4.66
CA LEU A 159 9.40 -4.96 -5.28
C LEU A 159 9.05 -6.10 -6.25
N ARG A 160 9.97 -6.44 -7.16
CA ARG A 160 9.67 -7.44 -8.21
C ARG A 160 9.37 -8.80 -7.57
N LYS A 161 10.19 -9.22 -6.61
CA LYS A 161 10.01 -10.51 -5.90
C LYS A 161 8.66 -10.45 -5.19
N GLY A 162 8.43 -9.38 -4.44
CA GLY A 162 7.18 -9.22 -3.65
C GLY A 162 5.97 -9.18 -4.56
N PHE A 163 6.08 -8.49 -5.70
CA PHE A 163 4.94 -8.29 -6.61
C PHE A 163 4.46 -9.67 -7.02
N PHE A 164 5.41 -10.50 -7.45
CA PHE A 164 5.06 -11.83 -8.00
C PHE A 164 4.52 -12.72 -6.87
N THR A 165 5.03 -12.56 -5.66
CA THR A 165 4.59 -13.36 -4.47
C THR A 165 3.09 -13.16 -4.24
N ARG A 166 2.64 -11.91 -4.21
CA ARG A 166 1.22 -11.57 -4.02
C ARG A 166 0.41 -11.98 -5.26
N LEU A 167 1.01 -11.80 -6.45
CA LEU A 167 0.31 -12.06 -7.74
C LEU A 167 -0.01 -13.55 -7.81
N GLU A 168 0.88 -14.40 -7.26
CA GLU A 168 0.74 -15.87 -7.38
C GLU A 168 -0.72 -16.24 -7.06
N ALA A 169 -1.16 -15.82 -5.88
CA ALA A 169 -2.51 -16.18 -5.36
C ALA A 169 -3.59 -15.75 -6.37
N PHE A 170 -3.49 -14.52 -6.87
CA PHE A 170 -4.49 -13.93 -7.79
C PHE A 170 -4.52 -14.71 -9.11
N ARG A 171 -3.35 -15.09 -9.62
CA ARG A 171 -3.25 -15.82 -10.92
C ARG A 171 -3.98 -17.16 -10.79
N GLN A 172 -3.71 -17.90 -9.71
CA GLN A 172 -4.33 -19.24 -9.47
C GLN A 172 -5.84 -19.07 -9.30
N ASP A 173 -6.27 -18.03 -8.58
CA ASP A 173 -7.72 -17.72 -8.39
C ASP A 173 -8.31 -17.43 -9.76
N GLY A 174 -7.49 -16.94 -10.69
CA GLY A 174 -7.95 -16.52 -12.03
C GLY A 174 -8.38 -15.07 -12.06
N THR A 175 -8.15 -14.33 -10.96
CA THR A 175 -8.41 -12.88 -10.87
C THR A 175 -7.58 -12.19 -11.95
N VAL A 176 -6.32 -12.61 -12.05
CA VAL A 176 -5.38 -12.12 -13.10
C VAL A 176 -5.13 -13.26 -14.08
N GLN A 177 -5.55 -13.09 -15.32
CA GLN A 177 -5.29 -14.07 -16.41
C GLN A 177 -3.83 -13.93 -16.82
N ALA A 178 -3.28 -14.98 -17.43
CA ALA A 178 -1.85 -15.03 -17.81
C ALA A 178 -1.54 -13.92 -18.83
N GLY A 179 -2.46 -13.66 -19.75
CA GLY A 179 -2.32 -12.62 -20.79
C GLY A 179 -2.15 -11.21 -20.23
N LEU A 180 -2.85 -10.90 -19.15
CA LEU A 180 -2.93 -9.53 -18.61
C LEU A 180 -1.80 -9.30 -17.59
N VAL A 181 -0.88 -10.22 -17.41
CA VAL A 181 0.18 -10.05 -16.35
C VAL A 181 1.13 -8.91 -16.75
N LEU A 182 1.63 -8.14 -15.77
CA LEU A 182 2.38 -6.85 -15.98
C LEU A 182 3.88 -7.13 -16.04
N SER A 183 4.60 -6.52 -17.01
CA SER A 183 6.06 -6.64 -17.24
C SER A 183 6.84 -6.19 -16.00
N GLY A 184 8.02 -6.75 -15.77
CA GLY A 184 8.90 -6.31 -14.68
C GLY A 184 9.22 -4.86 -14.92
N ASP A 185 9.44 -4.51 -16.17
CA ASP A 185 9.77 -3.11 -16.54
C ASP A 185 8.60 -2.23 -16.11
N THR A 186 7.38 -2.65 -16.38
CA THR A 186 6.14 -1.95 -15.95
C THR A 186 6.08 -1.77 -14.42
N VAL A 187 6.36 -2.82 -13.67
CA VAL A 187 6.25 -2.72 -12.18
C VAL A 187 7.29 -1.73 -11.68
N ASP A 188 8.49 -1.72 -12.25
CA ASP A 188 9.57 -0.81 -11.79
C ASP A 188 9.14 0.64 -12.03
N GLN A 189 8.56 0.90 -13.19
CA GLN A 189 8.08 2.25 -13.56
C GLN A 189 7.03 2.69 -12.55
N ILE A 190 6.08 1.80 -12.25
CA ILE A 190 4.94 2.13 -11.36
C ILE A 190 5.49 2.45 -9.98
N GLY A 191 6.44 1.68 -9.49
CA GLY A 191 7.09 1.96 -8.21
C GLY A 191 7.75 3.33 -8.22
N SER A 192 8.47 3.64 -9.29
CA SER A 192 9.23 4.92 -9.36
C SER A 192 8.22 6.06 -9.31
N ILE A 193 7.12 5.94 -10.03
CA ILE A 193 6.08 7.01 -10.10
C ILE A 193 5.51 7.17 -8.70
N MET A 194 5.26 6.07 -8.01
CA MET A 194 4.64 6.11 -6.65
C MET A 194 5.59 6.82 -5.70
N ARG A 195 6.88 6.46 -5.76
CA ARG A 195 7.91 7.09 -4.88
C ARG A 195 8.00 8.58 -5.22
N SER A 196 8.01 8.92 -6.51
CA SER A 196 8.12 10.30 -7.05
C SER A 196 6.92 11.15 -6.62
N GLN A 197 5.73 10.60 -6.81
CA GLN A 197 4.47 11.37 -6.58
C GLN A 197 3.80 10.85 -5.32
N GLN A 198 3.85 11.62 -4.23
CA GLN A 198 3.15 11.31 -2.96
C GLN A 198 1.66 11.39 -3.26
N SER A 199 1.28 12.18 -4.26
CA SER A 199 -0.13 12.42 -4.60
C SER A 199 -0.83 11.08 -4.81
N LEU A 200 -0.19 10.22 -5.58
CA LEU A 200 -0.72 8.89 -5.95
C LEU A 200 -0.99 8.11 -4.66
N VAL A 201 0.01 8.08 -3.80
CA VAL A 201 0.00 7.23 -2.59
C VAL A 201 -1.12 7.72 -1.67
N THR A 202 -1.27 9.03 -1.49
CA THR A 202 -2.26 9.59 -0.54
C THR A 202 -3.66 9.16 -0.96
N LEU A 203 -3.97 9.21 -2.25
CA LEU A 203 -5.32 8.84 -2.77
C LEU A 203 -5.55 7.36 -2.46
N MET A 204 -4.55 6.52 -2.76
CA MET A 204 -4.65 5.06 -2.57
C MET A 204 -4.86 4.75 -1.08
N VAL A 205 -4.09 5.38 -0.21
CA VAL A 205 -4.18 5.22 1.27
C VAL A 205 -5.58 5.68 1.71
N GLU A 206 -6.01 6.86 1.26
CA GLU A 206 -7.30 7.46 1.67
C GLU A 206 -8.44 6.56 1.21
N THR A 207 -8.32 5.98 0.00
CA THR A 207 -9.30 5.03 -0.54
C THR A 207 -9.43 3.87 0.44
N LEU A 208 -8.29 3.35 0.91
CA LEU A 208 -8.26 2.19 1.84
C LEU A 208 -8.96 2.60 3.13
N ILE A 209 -8.70 3.80 3.66
CA ILE A 209 -9.34 4.29 4.90
C ILE A 209 -10.84 4.49 4.66
N THR A 210 -11.23 5.00 3.50
CA THR A 210 -12.67 5.21 3.18
C THR A 210 -13.33 3.83 3.03
N MET A 211 -12.51 2.80 2.82
CA MET A 211 -13.01 1.41 2.65
C MET A 211 -13.10 0.73 4.01
N ASN A 212 -12.70 1.39 5.11
CA ASN A 212 -12.78 0.82 6.48
C ASN A 212 -14.25 0.55 6.82
N THR A 213 -15.16 1.47 6.49
CA THR A 213 -16.64 1.34 6.69
C THR A 213 -17.13 0.12 5.90
N SER A 214 -17.57 -0.94 6.59
CA SER A 214 -17.91 -2.26 6.00
C SER A 214 -19.38 -2.30 5.60
N ARG A 215 -19.62 -2.51 4.31
CA ARG A 215 -20.96 -2.60 3.67
C ARG A 215 -20.89 -3.75 2.64
N ASN A 216 -22.04 -4.34 2.30
CA ASN A 216 -22.16 -5.37 1.24
C ASN A 216 -21.86 -4.72 -0.13
N ASP A 217 -21.87 -3.38 -0.20
CA ASP A 217 -21.55 -2.59 -1.42
C ASP A 217 -20.03 -2.55 -1.64
N LEU A 218 -19.43 -3.69 -2.01
CA LEU A 218 -17.98 -3.82 -2.38
C LEU A 218 -17.87 -4.64 -3.67
N THR A 219 -17.28 -4.08 -4.72
CA THR A 219 -17.16 -4.74 -6.05
C THR A 219 -16.14 -5.87 -5.92
N THR A 220 -16.14 -6.81 -6.86
CA THR A 220 -15.09 -7.86 -6.93
C THR A 220 -13.72 -7.20 -6.75
N ILE A 221 -13.48 -6.11 -7.47
CA ILE A 221 -12.20 -5.37 -7.41
C ILE A 221 -12.01 -4.80 -6.00
N GLU A 222 -13.05 -4.23 -5.38
CA GLU A 222 -12.89 -3.56 -4.07
C GLU A 222 -12.57 -4.62 -3.01
N LYS A 223 -13.15 -5.81 -3.13
CA LYS A 223 -12.80 -6.95 -2.24
C LYS A 223 -11.32 -7.26 -2.46
N ASN A 224 -10.91 -7.33 -3.72
CA ASN A 224 -9.50 -7.64 -4.07
C ASN A 224 -8.58 -6.53 -3.56
N ILE A 225 -9.00 -5.26 -3.65
CA ILE A 225 -8.19 -4.11 -3.18
C ILE A 225 -7.90 -4.28 -1.68
N GLN A 226 -8.94 -4.59 -0.90
CA GLN A 226 -8.87 -4.76 0.57
C GLN A 226 -7.98 -5.95 0.93
N ILE A 227 -7.97 -7.00 0.11
CA ILE A 227 -7.12 -8.21 0.33
C ILE A 227 -5.65 -7.80 0.22
N VAL A 228 -5.32 -6.99 -0.80
CA VAL A 228 -3.94 -6.44 -1.03
C VAL A 228 -3.64 -5.43 0.08
N GLY A 229 -4.66 -4.69 0.50
CA GLY A 229 -4.60 -3.63 1.52
C GLY A 229 -4.10 -4.15 2.86
N ASN A 230 -4.45 -5.39 3.22
CA ASN A 230 -4.02 -6.03 4.49
C ASN A 230 -2.49 -6.12 4.50
N TYR A 231 -1.90 -6.48 3.35
CA TYR A 231 -0.43 -6.60 3.14
C TYR A 231 0.22 -5.21 3.11
N ILE A 232 -0.48 -4.21 2.57
CA ILE A 232 -0.03 -2.79 2.49
C ILE A 232 -0.20 -2.05 3.82
N ARG A 233 -1.14 -2.47 4.66
CA ARG A 233 -1.54 -1.75 5.89
C ARG A 233 -0.38 -1.64 6.87
N ASP A 234 0.42 -2.66 7.23
CA ASP A 234 1.42 -2.36 8.30
C ASP A 234 2.85 -2.67 7.84
N ALA A 235 3.30 -1.99 6.77
CA ALA A 235 4.54 -2.29 6.01
C ALA A 235 5.63 -1.29 6.42
N GLY A 236 6.80 -1.79 6.89
CA GLY A 236 7.92 -0.98 7.37
C GLY A 236 8.03 -0.94 8.87
N LEU A 237 6.95 -1.27 9.59
CA LEU A 237 6.86 -1.21 11.08
C LEU A 237 6.99 -2.62 11.64
N ALA A 238 7.56 -3.56 10.89
CA ALA A 238 7.46 -4.99 11.23
C ALA A 238 8.27 -5.24 12.51
N SER A 239 9.45 -4.63 12.60
CA SER A 239 10.33 -4.87 13.76
C SER A 239 9.67 -4.32 15.01
N PHE A 240 8.94 -3.23 14.89
CA PHE A 240 8.14 -2.65 16.00
C PHE A 240 7.16 -3.71 16.50
N PHE A 241 6.40 -4.30 15.58
CA PHE A 241 5.35 -5.30 15.93
C PHE A 241 6.02 -6.59 16.44
N ASN A 242 7.14 -7.01 15.86
CA ASN A 242 7.86 -8.22 16.36
C ASN A 242 8.42 -7.93 17.74
N THR A 243 8.88 -6.71 18.00
CA THR A 243 9.39 -6.34 19.35
C THR A 243 8.22 -6.40 20.34
N ILE A 244 7.04 -5.95 19.94
CA ILE A 244 5.84 -6.02 20.82
C ILE A 244 5.43 -7.47 21.01
N ARG A 245 5.35 -8.25 19.93
CA ARG A 245 4.80 -9.63 19.99
C ARG A 245 5.73 -10.51 20.81
N TYR A 246 7.03 -10.51 20.56
CA TYR A 246 7.92 -11.49 21.22
C TYR A 246 8.63 -10.86 22.42
N GLY A 247 8.45 -9.57 22.69
CA GLY A 247 9.01 -8.95 23.91
C GLY A 247 7.94 -8.57 24.91
N ILE A 248 6.89 -7.88 24.50
CA ILE A 248 5.88 -7.35 25.46
C ILE A 248 4.71 -8.29 25.62
N GLU A 249 4.17 -8.85 24.54
CA GLU A 249 2.95 -9.69 24.68
C GLU A 249 3.29 -10.97 25.45
N THR A 250 4.55 -11.40 25.40
CA THR A 250 4.98 -12.63 26.10
C THR A 250 4.82 -12.45 27.61
N ARG A 251 4.95 -11.22 28.11
CA ARG A 251 4.80 -10.87 29.55
C ARG A 251 5.66 -11.79 30.39
N MET A 252 6.90 -12.01 29.98
CA MET A 252 7.86 -12.78 30.81
C MET A 252 8.38 -11.88 31.94
N ALA A 253 9.05 -12.49 32.91
CA ALA A 253 9.41 -11.84 34.20
C ALA A 253 10.56 -10.84 34.05
N ALA A 254 11.28 -10.89 32.95
CA ALA A 254 12.48 -10.06 32.73
C ALA A 254 12.05 -8.62 32.45
N LEU A 255 10.76 -8.40 32.21
CA LEU A 255 10.27 -7.03 31.93
C LEU A 255 10.49 -6.16 33.17
N THR A 256 10.53 -6.78 34.36
CA THR A 256 10.75 -6.09 35.65
C THR A 256 12.15 -5.47 35.71
N LEU A 257 13.10 -6.02 34.94
CA LEU A 257 14.52 -5.57 35.00
C LEU A 257 14.58 -4.06 34.82
N SER A 258 15.48 -3.41 35.56
CA SER A 258 15.77 -1.96 35.41
C SER A 258 16.36 -1.67 34.03
N THR A 259 17.16 -2.60 33.51
CA THR A 259 17.92 -2.41 32.25
C THR A 259 16.94 -2.20 31.07
N LEU A 260 15.86 -2.98 31.03
CA LEU A 260 14.89 -2.91 29.93
C LEU A 260 13.91 -1.75 30.16
N ARG A 261 13.87 -1.15 31.36
CA ARG A 261 12.80 -0.18 31.72
C ARG A 261 12.81 1.02 30.78
N PRO A 262 13.93 1.69 30.47
CA PRO A 262 13.89 2.82 29.55
C PRO A 262 13.34 2.46 28.16
N ASP A 263 13.74 1.32 27.60
CA ASP A 263 13.33 0.90 26.23
C ASP A 263 11.83 0.56 26.26
N ILE A 264 11.32 0.00 27.37
CA ILE A 264 9.88 -0.37 27.53
C ILE A 264 9.05 0.91 27.49
N ASN A 265 9.57 1.97 28.12
CA ASN A 265 8.89 3.28 28.19
C ASN A 265 8.75 3.88 26.80
N ARG A 266 9.80 3.81 26.00
CA ARG A 266 9.81 4.31 24.61
C ARG A 266 8.79 3.52 23.77
N LEU A 267 8.74 2.22 23.96
CA LEU A 267 7.85 1.35 23.18
C LEU A 267 6.43 1.82 23.50
N LYS A 268 6.19 2.13 24.77
CA LYS A 268 4.87 2.65 25.23
C LYS A 268 4.54 3.91 24.44
N ALA A 269 5.49 4.84 24.36
CA ALA A 269 5.33 6.15 23.68
C ALA A 269 4.99 5.95 22.21
N LEU A 270 5.74 5.05 21.57
CA LEU A 270 5.57 4.78 20.12
C LEU A 270 4.18 4.18 19.88
N MET A 271 3.77 3.25 20.75
CA MET A 271 2.43 2.62 20.64
C MET A 271 1.36 3.68 20.79
N GLU A 272 1.52 4.56 21.78
CA GLU A 272 0.57 5.67 22.00
C GLU A 272 0.58 6.65 20.83
N LEU A 273 1.76 6.95 20.26
CA LEU A 273 1.91 7.81 19.06
C LEU A 273 1.16 7.19 17.88
N TYR A 274 1.31 5.89 17.69
CA TYR A 274 0.68 5.12 16.59
C TYR A 274 -0.84 5.21 16.76
N LEU A 275 -1.32 5.07 17.99
CA LEU A 275 -2.77 5.17 18.23
C LEU A 275 -3.21 6.60 17.91
N SER A 276 -2.40 7.60 18.26
CA SER A 276 -2.67 9.04 17.99
C SER A 276 -2.89 9.28 16.50
N LYS A 277 -2.00 8.74 15.68
CA LYS A 277 -2.01 9.01 14.22
C LYS A 277 -3.34 8.52 13.66
N GLY A 278 -4.01 7.56 14.31
CA GLY A 278 -5.38 7.20 13.90
C GLY A 278 -5.40 6.16 12.79
N PRO A 279 -6.43 6.18 11.92
CA PRO A 279 -6.54 5.22 10.82
C PRO A 279 -5.38 5.35 9.83
N ARG A 280 -4.74 6.52 9.85
CA ARG A 280 -3.55 6.90 9.05
C ARG A 280 -2.33 6.13 9.54
N ALA A 281 -2.37 5.66 10.78
CA ALA A 281 -1.20 5.11 11.51
C ALA A 281 -0.61 3.90 10.80
N PRO A 282 -1.40 2.90 10.34
CA PRO A 282 -0.80 1.78 9.67
C PRO A 282 0.13 2.24 8.53
N PHE A 283 -0.17 3.36 7.87
CA PHE A 283 0.56 3.79 6.65
C PHE A 283 1.62 4.86 6.95
N ILE A 284 2.16 4.91 8.15
CA ILE A 284 3.21 5.91 8.53
C ILE A 284 4.41 5.82 7.59
N CYS A 285 4.99 4.63 7.45
CA CYS A 285 6.24 4.43 6.68
C CYS A 285 5.93 4.51 5.17
N ILE A 286 4.70 4.16 4.78
CA ILE A 286 4.24 4.22 3.35
C ILE A 286 4.13 5.69 2.95
N LEU A 287 3.55 6.51 3.83
CA LEU A 287 3.33 7.97 3.63
C LEU A 287 4.61 8.75 3.94
N ARG A 288 5.63 8.11 4.51
CA ARG A 288 6.95 8.70 4.83
C ARG A 288 6.72 9.93 5.71
N ASP A 289 5.97 9.73 6.80
CA ASP A 289 5.65 10.74 7.84
C ASP A 289 6.94 11.13 8.56
N PRO A 290 7.06 12.36 9.16
CA PRO A 290 8.27 12.74 9.91
C PRO A 290 8.64 11.80 11.07
N ILE A 291 7.66 11.14 11.69
CA ILE A 291 7.79 10.22 12.87
C ILE A 291 8.10 8.78 12.45
N HIS A 292 8.29 8.47 11.15
CA HIS A 292 8.46 7.10 10.58
C HIS A 292 9.78 6.41 10.98
N GLY A 293 10.83 7.12 11.46
CA GLY A 293 12.16 6.60 11.80
C GLY A 293 12.24 6.52 13.31
N GLU A 294 11.20 7.01 13.99
CA GLU A 294 11.13 6.92 15.47
C GLU A 294 10.75 5.50 15.86
N PHE A 295 10.21 4.73 14.90
CA PHE A 295 9.71 3.36 15.09
C PHE A 295 10.80 2.35 14.77
N ALA A 296 11.99 2.80 14.42
CA ALA A 296 13.12 1.91 14.02
C ALA A 296 13.68 1.25 15.27
N PRO A 297 14.08 -0.04 15.24
CA PRO A 297 14.56 -0.72 16.44
C PRO A 297 15.84 -0.15 17.08
N GLY A 298 16.62 0.64 16.35
CA GLY A 298 17.79 1.33 16.92
C GLY A 298 17.43 2.25 18.08
N ASN A 299 16.27 2.88 18.01
CA ASN A 299 15.79 3.81 19.05
C ASN A 299 15.58 3.08 20.38
N TYR A 300 15.17 1.82 20.33
CA TYR A 300 14.88 0.99 21.52
C TYR A 300 15.65 -0.31 21.41
N PRO A 301 17.00 -0.33 21.51
CA PRO A 301 17.76 -1.54 21.16
C PRO A 301 17.75 -2.71 22.15
N ALA A 302 17.71 -2.49 23.47
CA ALA A 302 17.71 -3.59 24.45
C ALA A 302 16.47 -4.47 24.28
N ILE A 303 15.30 -3.86 24.23
CA ILE A 303 14.02 -4.63 24.12
C ILE A 303 14.01 -5.36 22.78
N TRP A 304 14.55 -4.77 21.73
CA TRP A 304 14.53 -5.40 20.38
C TRP A 304 15.40 -6.65 20.44
N SER A 305 16.55 -6.56 21.08
CA SER A 305 17.49 -7.71 21.20
C SER A 305 16.80 -8.83 21.97
N TYR A 306 16.13 -8.51 23.08
CA TYR A 306 15.46 -9.48 23.98
C TYR A 306 14.37 -10.20 23.17
N ALA A 307 13.58 -9.42 22.43
CA ALA A 307 12.46 -9.95 21.65
C ALA A 307 13.02 -10.89 20.59
N MET A 308 14.12 -10.50 19.95
CA MET A 308 14.74 -11.30 18.88
C MET A 308 15.24 -12.62 19.48
N GLY A 309 15.75 -12.59 20.71
CA GLY A 309 16.13 -13.83 21.39
C GLY A 309 14.96 -14.73 21.66
N VAL A 310 13.86 -14.19 22.17
CA VAL A 310 12.62 -14.98 22.43
C VAL A 310 12.14 -15.48 21.09
N ALA A 311 12.15 -14.65 20.07
CA ALA A 311 11.60 -15.00 18.74
C ALA A 311 12.36 -16.18 18.12
N VAL A 312 13.67 -16.32 18.35
CA VAL A 312 14.47 -17.40 17.67
C VAL A 312 14.18 -18.69 18.41
N VAL A 313 13.99 -18.60 19.73
CA VAL A 313 13.56 -19.77 20.55
C VAL A 313 12.10 -20.11 20.18
N GLN A 314 11.22 -19.11 20.07
CA GLN A 314 9.77 -19.36 19.86
C GLN A 314 9.46 -19.70 18.40
N ASN A 315 10.08 -19.04 17.44
CA ASN A 315 9.70 -19.20 16.01
C ASN A 315 10.78 -19.97 15.24
N ARG A 316 10.35 -20.82 14.29
CA ARG A 316 11.27 -21.57 13.41
C ARG A 316 12.15 -20.56 12.67
N ALA A 317 13.48 -20.75 12.68
CA ALA A 317 14.49 -19.84 12.10
C ALA A 317 14.24 -18.42 12.63
N MET A 318 14.01 -17.44 11.75
CA MET A 318 13.76 -16.00 12.05
C MET A 318 15.00 -15.34 12.62
N GLN A 319 16.15 -16.02 12.65
CA GLN A 319 17.47 -15.38 12.79
C GLN A 319 17.76 -14.75 11.42
N GLN A 320 17.16 -15.32 10.37
CA GLN A 320 17.11 -14.73 8.99
C GLN A 320 16.74 -13.25 9.12
N TYR A 321 15.53 -12.97 9.65
CA TYR A 321 14.89 -11.64 9.66
C TYR A 321 15.75 -10.61 10.43
N VAL A 322 16.67 -11.06 11.30
CA VAL A 322 17.52 -10.16 12.14
C VAL A 322 18.88 -10.82 12.41
N THR A 323 19.93 -10.35 11.72
CA THR A 323 21.34 -10.82 11.91
C THR A 323 22.29 -9.66 11.62
N GLY A 324 23.45 -9.64 12.30
CA GLY A 324 24.51 -8.63 12.12
C GLY A 324 23.96 -7.21 12.19
N ARG A 325 23.09 -6.95 13.18
CA ARG A 325 22.56 -5.58 13.40
C ARG A 325 23.54 -4.85 14.33
N SER A 326 23.94 -3.66 13.89
CA SER A 326 24.93 -2.79 14.57
C SER A 326 24.56 -2.68 16.06
N TYR A 327 23.25 -2.70 16.33
CA TYR A 327 22.70 -2.28 17.65
C TYR A 327 22.45 -3.48 18.56
N LEU A 328 22.58 -4.71 18.08
CA LEU A 328 22.15 -5.89 18.86
C LEU A 328 22.88 -5.94 20.21
N ASP A 329 22.14 -6.13 21.30
CA ASP A 329 22.72 -6.22 22.66
C ASP A 329 22.82 -7.70 22.95
N ILE A 330 24.03 -8.24 23.00
CA ILE A 330 24.21 -9.72 23.04
C ILE A 330 23.63 -10.24 24.36
N ASP A 331 23.84 -9.50 25.44
CA ASP A 331 23.37 -9.93 26.78
C ASP A 331 21.85 -10.09 26.76
N MET A 332 21.15 -9.10 26.20
CA MET A 332 19.67 -9.11 26.17
C MET A 332 19.21 -10.26 25.29
N PHE A 333 19.91 -10.50 24.18
CA PHE A 333 19.50 -11.53 23.19
C PHE A 333 19.53 -12.86 23.92
N GLN A 334 20.62 -13.12 24.65
CA GLN A 334 20.82 -14.41 25.34
C GLN A 334 19.79 -14.54 26.47
N LEU A 335 19.51 -13.46 27.19
CA LEU A 335 18.52 -13.50 28.29
C LEU A 335 17.16 -13.87 27.70
N GLY A 336 16.82 -13.29 26.57
CA GLY A 336 15.51 -13.52 25.95
C GLY A 336 15.38 -14.99 25.61
N GLN A 337 16.46 -15.57 25.09
CA GLN A 337 16.44 -16.99 24.70
C GLN A 337 16.20 -17.80 25.97
N ALA A 338 16.95 -17.51 27.02
CA ALA A 338 16.89 -18.30 28.27
C ALA A 338 15.48 -18.24 28.83
N VAL A 339 14.95 -17.03 28.92
CA VAL A 339 13.66 -16.82 29.60
C VAL A 339 12.59 -17.59 28.80
N ALA A 340 12.66 -17.56 27.47
CA ALA A 340 11.72 -18.26 26.57
C ALA A 340 11.87 -19.77 26.71
N ARG A 341 13.10 -20.25 26.82
CA ARG A 341 13.39 -21.70 26.94
C ARG A 341 12.75 -22.24 28.22
N ASP A 342 12.84 -21.50 29.32
CA ASP A 342 12.19 -21.90 30.59
C ASP A 342 10.68 -21.98 30.34
N ALA A 343 10.14 -21.00 29.62
CA ALA A 343 8.69 -20.94 29.34
C ALA A 343 8.28 -22.12 28.48
N GLU A 344 9.13 -22.50 27.52
CA GLU A 344 8.76 -23.59 26.58
C GLU A 344 8.61 -24.87 27.39
N ALA A 345 9.42 -25.05 28.42
CA ALA A 345 9.35 -26.27 29.25
C ALA A 345 7.94 -26.37 29.83
N GLN A 346 7.36 -25.25 30.19
CA GLN A 346 6.01 -25.27 30.82
C GLN A 346 4.91 -25.05 29.76
N ASP B 20 -6.18 -5.85 11.85
CA ASP B 20 -5.95 -4.62 12.64
C ASP B 20 -5.04 -4.95 13.83
N LYS B 21 -3.96 -4.18 13.98
CA LYS B 21 -2.97 -4.33 15.06
C LYS B 21 -3.44 -3.50 16.25
N SER B 22 -4.61 -2.89 16.15
CA SER B 22 -5.18 -2.07 17.26
C SER B 22 -5.34 -2.95 18.50
N THR B 23 -5.89 -4.15 18.33
CA THR B 23 -6.02 -5.11 19.47
C THR B 23 -4.61 -5.45 19.93
N ASN B 24 -3.69 -5.64 18.99
CA ASN B 24 -2.29 -6.02 19.33
C ASN B 24 -1.72 -4.89 20.19
N ILE B 25 -1.85 -3.65 19.72
CA ILE B 25 -1.31 -2.46 20.46
C ILE B 25 -2.08 -2.31 21.76
N SER B 26 -3.40 -2.47 21.74
CA SER B 26 -4.25 -2.29 22.95
C SER B 26 -3.85 -3.31 23.99
N SER B 27 -3.69 -4.56 23.59
CA SER B 27 -3.34 -5.64 24.54
C SER B 27 -2.02 -5.22 25.18
N ALA B 28 -1.05 -4.85 24.36
CA ALA B 28 0.32 -4.55 24.81
C ALA B 28 0.33 -3.32 25.72
N LEU B 29 -0.40 -2.29 25.34
CA LEU B 29 -0.36 -1.02 26.12
C LEU B 29 -0.85 -1.35 27.51
N ASN B 30 -1.90 -2.16 27.58
CA ASN B 30 -2.50 -2.58 28.86
C ASN B 30 -1.47 -3.41 29.66
N ILE B 31 -0.76 -4.30 28.97
CA ILE B 31 0.26 -5.17 29.61
C ILE B 31 1.35 -4.25 30.17
N ILE B 32 1.81 -3.29 29.37
CA ILE B 32 2.93 -2.41 29.78
C ILE B 32 2.48 -1.60 30.99
N GLU B 33 1.26 -1.07 30.94
CA GLU B 33 0.76 -0.20 32.02
C GLU B 33 0.74 -1.01 33.30
N PHE B 34 0.30 -2.27 33.22
CA PHE B 34 0.32 -3.19 34.38
C PHE B 34 1.76 -3.32 34.87
N ILE B 35 2.69 -3.56 33.95
CA ILE B 35 4.11 -3.82 34.33
C ILE B 35 4.62 -2.58 35.05
N LEU B 36 4.40 -1.41 34.46
CA LEU B 36 4.92 -0.15 35.05
C LEU B 36 4.22 0.09 36.38
N SER B 37 2.90 -0.05 36.43
CA SER B 37 2.13 0.31 37.64
C SER B 37 2.52 -0.60 38.79
N THR B 38 2.57 -1.91 38.55
CA THR B 38 2.94 -2.90 39.59
C THR B 38 4.41 -2.73 39.97
N ASP B 39 5.29 -2.58 38.99
CA ASP B 39 6.74 -2.51 39.31
C ASP B 39 7.21 -1.07 39.20
N PRO B 40 7.24 -0.28 40.31
CA PRO B 40 7.57 1.15 40.21
C PRO B 40 9.08 1.34 40.00
N GLN B 41 9.46 1.96 38.88
CA GLN B 41 10.87 2.24 38.49
C GLN B 41 11.74 1.00 38.72
N GLU B 42 11.29 -0.18 38.28
CA GLU B 42 12.02 -1.46 38.43
C GLU B 42 12.48 -1.63 39.89
#